data_5Y9K
#
_entry.id   5Y9K
#
_cell.length_a   60.912
_cell.length_b   52.279
_cell.length_c   63.748
_cell.angle_alpha   90.00
_cell.angle_beta   90.72
_cell.angle_gamma   90.00
#
_symmetry.space_group_name_H-M   'P 1 21 1'
#
loop_
_entity.id
_entity.type
_entity.pdbx_description
1 polymer 'belimumab light chain'
2 polymer 'belimumab heavy chain'
3 water water
#
loop_
_entity_poly.entity_id
_entity_poly.type
_entity_poly.pdbx_seq_one_letter_code
_entity_poly.pdbx_strand_id
1 'polypeptide(L)'
;SSELTQDPAVSVALGQTVRVTCQGDSLRSYYASWYQQKPGQAPVLVIYGKNNRPSGIPDRFSGSSSGNTASLTITGAQAE
DEADYYCSSRDSSGNHWVFGGGTELTVLGQPKAAPSVTLFPPSSEELQANKATLVCLISDFYPGAVTVAWKADSSPVKAG
VETTTPSKQSNNKYAASSYLSLTPEQWKSHRSYSCQVTHEGSTVEKTVAPTECS
;
L
2 'polypeptide(L)'
;QVQLQQSGAEVKKPGSSVRVSCKASGGTFNNNAINWVRQAPGQGLEWMGGIIPMFGTAKYSQNFQGRVAITADESTGTAS
MELSSLRSEDTAVYYCARSRDLLLFPHHALSPWGRGTMVTVSSASTKGPSVFPLAPSSKSTSGGTAALGCLVKDYFPEPV
TVSWNSGALTSGVHTFPAVLQSSGLYSLSSVVTVPSSSLGTQTYICNVNHKPSNTKVDKKVEPKSCDKTHHHHHH
;
H
#
# COMPACT_ATOMS: atom_id res chain seq x y z
N GLU A 3 8.12 21.85 -14.61
CA GLU A 3 8.34 20.43 -14.37
C GLU A 3 9.55 20.16 -13.47
N LEU A 4 9.43 19.17 -12.60
CA LEU A 4 10.50 18.84 -11.66
C LEU A 4 11.15 17.49 -11.99
N THR A 5 12.46 17.43 -12.02
CA THR A 5 13.12 16.16 -12.33
C THR A 5 14.01 15.68 -11.17
N GLN A 6 14.01 14.36 -10.95
CA GLN A 6 14.88 13.69 -9.96
C GLN A 6 15.51 12.45 -10.58
N ASP A 7 16.64 12.02 -10.05
CA ASP A 7 17.17 10.70 -10.41
C ASP A 7 16.19 9.63 -9.97
N PRO A 8 15.96 8.61 -10.81
CA PRO A 8 14.99 7.58 -10.43
C PRO A 8 15.43 6.77 -9.21
N ALA A 9 16.73 6.67 -8.98
CA ALA A 9 17.21 5.81 -7.91
C ALA A 9 18.54 6.26 -7.34
N VAL A 10 18.77 5.92 -6.07
CA VAL A 10 20.05 6.19 -5.45
C VAL A 10 20.22 5.18 -4.31
N SER A 11 21.46 4.75 -4.11
CA SER A 11 21.82 3.82 -3.03
C SER A 11 22.78 4.47 -2.04
N VAL A 12 22.78 3.95 -0.82
CA VAL A 12 23.70 4.41 0.20
C VAL A 12 24.02 3.26 1.17
N ALA A 13 25.27 3.17 1.62
CA ALA A 13 25.66 2.16 2.61
C ALA A 13 25.03 2.50 3.97
N LEU A 14 24.72 1.46 4.75
CA LEU A 14 24.21 1.66 6.11
C LEU A 14 25.08 2.63 6.89
N GLY A 15 24.44 3.63 7.50
CA GLY A 15 25.16 4.52 8.40
C GLY A 15 25.82 5.70 7.70
N GLN A 16 25.71 5.75 6.37
CA GLN A 16 26.39 6.79 5.61
C GLN A 16 25.44 7.86 5.08
N THR A 17 26.01 8.86 4.39
CA THR A 17 25.22 10.02 3.94
C THR A 17 24.77 9.87 2.47
N VAL A 18 23.50 10.16 2.22
CA VAL A 18 22.96 10.09 0.87
C VAL A 18 22.29 11.41 0.50
N ARG A 19 22.33 11.75 -0.79
CA ARG A 19 21.82 13.03 -1.27
C ARG A 19 20.86 12.79 -2.43
N VAL A 20 19.68 13.37 -2.33
CA VAL A 20 18.70 13.25 -3.39
C VAL A 20 18.51 14.62 -4.00
N THR A 21 18.61 14.72 -5.33
CA THR A 21 18.53 16.02 -5.99
C THR A 21 17.24 16.23 -6.75
N CYS A 22 16.86 17.49 -6.90
CA CYS A 22 15.63 17.88 -7.58
C CYS A 22 15.95 19.10 -8.41
N GLN A 23 15.39 19.18 -9.61
CA GLN A 23 15.70 20.28 -10.50
C GLN A 23 14.49 20.72 -11.30
N GLY A 24 14.29 22.03 -11.41
CA GLY A 24 13.23 22.55 -12.24
C GLY A 24 13.15 24.05 -12.10
N ASP A 25 12.60 24.70 -13.13
CA ASP A 25 12.52 26.15 -13.16
C ASP A 25 11.68 26.74 -12.03
N SER A 26 10.73 25.97 -11.50
CA SER A 26 9.85 26.51 -10.47
C SER A 26 10.62 26.72 -9.16
N LEU A 27 11.72 26.00 -9.00
CA LEU A 27 12.55 26.10 -7.79
C LEU A 27 13.30 27.44 -7.72
N ARG A 28 13.29 28.18 -8.82
CA ARG A 28 13.78 29.56 -8.78
C ARG A 28 12.83 30.44 -8.00
N SER A 29 11.56 30.04 -7.93
CA SER A 29 10.51 30.88 -7.35
C SER A 29 10.10 30.41 -5.97
N TYR A 30 10.10 29.10 -5.78
CA TYR A 30 9.66 28.54 -4.51
C TYR A 30 10.65 27.53 -3.98
N TYR A 31 10.59 27.29 -2.67
CA TYR A 31 11.40 26.26 -2.07
C TYR A 31 10.80 24.88 -2.33
N ALA A 32 11.66 23.92 -2.66
CA ALA A 32 11.23 22.55 -2.79
C ALA A 32 10.82 22.00 -1.43
N SER A 33 9.85 21.09 -1.44
CA SER A 33 9.56 20.30 -0.26
C SER A 33 9.74 18.82 -0.59
N TRP A 34 10.02 18.02 0.43
CA TRP A 34 10.37 16.62 0.25
C TRP A 34 9.44 15.68 1.02
N TYR A 35 9.04 14.60 0.36
CA TYR A 35 8.11 13.64 0.94
C TYR A 35 8.72 12.27 0.93
N GLN A 36 8.59 11.56 2.05
CA GLN A 36 9.01 10.18 2.14
C GLN A 36 7.78 9.29 2.01
N GLN A 37 7.87 8.25 1.18
CA GLN A 37 6.76 7.31 1.05
C GLN A 37 7.22 5.86 1.03
N LYS A 38 6.73 5.10 1.99
CA LYS A 38 7.00 3.67 2.08
C LYS A 38 5.86 2.91 1.41
N PRO A 39 6.09 1.65 1.02
CA PRO A 39 5.04 0.88 0.34
C PRO A 39 3.74 0.84 1.13
N GLY A 40 2.62 1.03 0.45
CA GLY A 40 1.32 0.91 1.08
C GLY A 40 0.95 2.00 2.08
N GLN A 41 1.79 3.03 2.17
CA GLN A 41 1.59 4.13 3.11
C GLN A 41 1.40 5.46 2.39
N ALA A 42 0.77 6.41 3.06
CA ALA A 42 0.69 7.78 2.59
C ALA A 42 2.03 8.52 2.71
N PRO A 43 2.27 9.49 1.81
CA PRO A 43 3.52 10.25 1.90
C PRO A 43 3.62 11.00 3.23
N VAL A 44 4.85 11.27 3.67
CA VAL A 44 5.10 12.04 4.88
C VAL A 44 6.04 13.19 4.54
N LEU A 45 5.68 14.40 4.92
CA LEU A 45 6.57 15.54 4.72
C LEU A 45 7.80 15.41 5.63
N VAL A 46 9.00 15.57 5.09
CA VAL A 46 10.22 15.52 5.93
C VAL A 46 11.01 16.82 5.93
N ILE A 47 11.02 17.56 4.83
CA ILE A 47 11.75 18.83 4.72
C ILE A 47 10.94 19.82 3.90
N TYR A 48 10.92 21.08 4.33
CA TYR A 48 10.32 22.15 3.54
C TYR A 48 11.05 23.48 3.77
N GLY A 49 10.82 24.42 2.86
CA GLY A 49 11.36 25.77 3.00
C GLY A 49 12.88 25.79 3.09
N LYS A 50 13.40 26.70 3.91
CA LYS A 50 14.82 26.77 4.13
C LYS A 50 15.23 25.79 5.24
N ASN A 51 15.37 24.51 4.87
CA ASN A 51 15.82 23.47 5.78
C ASN A 51 14.97 23.32 7.06
N ASN A 52 13.65 23.30 6.91
CA ASN A 52 12.75 23.10 8.03
C ASN A 52 12.24 21.66 8.11
N ARG A 53 12.22 21.13 9.33
CA ARG A 53 11.73 19.78 9.60
C ARG A 53 10.45 19.83 10.40
N PRO A 54 9.42 19.09 9.95
CA PRO A 54 8.19 19.03 10.75
C PRO A 54 8.43 18.25 12.02
N SER A 55 7.51 18.38 12.98
CA SER A 55 7.63 17.70 14.25
C SER A 55 7.81 16.19 14.06
N GLY A 56 8.82 15.63 14.73
CA GLY A 56 8.97 14.19 14.77
C GLY A 56 9.86 13.63 13.68
N ILE A 57 10.27 14.50 12.77
CA ILE A 57 11.25 14.13 11.76
C ILE A 57 12.66 14.33 12.33
N PRO A 58 13.47 13.27 12.32
CA PRO A 58 14.80 13.33 12.95
C PRO A 58 15.75 14.25 12.22
N ASP A 59 16.74 14.78 12.94
CA ASP A 59 17.65 15.80 12.39
C ASP A 59 18.66 15.22 11.40
N ARG A 60 18.58 13.91 11.17
CA ARG A 60 19.37 13.29 10.11
C ARG A 60 18.96 13.80 8.74
N PHE A 61 17.73 14.31 8.65
CA PHE A 61 17.20 14.88 7.41
C PHE A 61 17.50 16.37 7.29
N SER A 62 18.01 16.82 6.15
CA SER A 62 18.21 18.24 5.96
C SER A 62 18.02 18.60 4.50
N GLY A 63 17.77 19.88 4.23
CA GLY A 63 17.59 20.33 2.86
C GLY A 63 18.40 21.57 2.51
N SER A 64 18.73 21.69 1.23
CA SER A 64 19.33 22.91 0.71
C SER A 64 18.80 23.22 -0.69
N SER A 65 19.06 24.44 -1.13
CA SER A 65 18.55 24.95 -2.39
C SER A 65 19.63 25.78 -3.07
N SER A 66 19.63 25.79 -4.39
CA SER A 66 20.62 26.51 -5.16
C SER A 66 20.14 26.62 -6.59
N GLY A 67 19.95 27.86 -7.06
CA GLY A 67 19.46 28.10 -8.39
C GLY A 67 18.13 27.39 -8.63
N ASN A 68 18.12 26.50 -9.62
CA ASN A 68 16.90 25.76 -9.94
C ASN A 68 17.01 24.32 -9.46
N THR A 69 17.80 24.12 -8.40
CA THR A 69 18.01 22.82 -7.82
C THR A 69 17.72 22.83 -6.33
N ALA A 70 17.36 21.66 -5.81
CA ALA A 70 17.24 21.46 -4.37
C ALA A 70 17.72 20.06 -4.05
N SER A 71 18.16 19.86 -2.81
CA SER A 71 18.71 18.59 -2.41
C SER A 71 18.24 18.18 -1.03
N LEU A 72 17.88 16.92 -0.91
CA LEU A 72 17.57 16.32 0.36
C LEU A 72 18.78 15.48 0.79
N THR A 73 19.28 15.75 2.00
CA THR A 73 20.41 14.99 2.51
C THR A 73 19.97 14.20 3.74
N ILE A 74 20.34 12.92 3.78
CA ILE A 74 20.06 12.06 4.93
C ILE A 74 21.39 11.53 5.44
N THR A 75 21.77 11.94 6.64
CA THR A 75 23.00 11.42 7.23
C THR A 75 22.67 10.21 8.09
N GLY A 76 23.69 9.40 8.37
CA GLY A 76 23.51 8.23 9.21
C GLY A 76 22.32 7.40 8.78
N ALA A 77 22.24 7.13 7.48
CA ALA A 77 21.13 6.40 6.90
C ALA A 77 20.85 5.10 7.66
N GLN A 78 19.57 4.90 7.95
CA GLN A 78 19.11 3.68 8.60
C GLN A 78 18.32 2.87 7.61
N ALA A 79 18.24 1.55 7.85
CA ALA A 79 17.40 0.67 7.06
C ALA A 79 15.99 1.27 6.93
N GLU A 80 15.56 1.93 8.01
CA GLU A 80 14.21 2.49 8.06
C GLU A 80 14.01 3.68 7.13
N ASP A 81 15.08 4.21 6.55
CA ASP A 81 14.99 5.37 5.66
C ASP A 81 14.69 4.95 4.22
N GLU A 82 14.78 3.65 3.94
CA GLU A 82 14.46 3.09 2.64
C GLU A 82 13.01 3.38 2.25
N ALA A 83 12.81 4.01 1.08
CA ALA A 83 11.52 4.56 0.67
C ALA A 83 11.69 5.31 -0.63
N ASP A 84 10.58 5.78 -1.20
CA ASP A 84 10.59 6.72 -2.32
C ASP A 84 10.61 8.12 -1.76
N TYR A 85 11.35 9.00 -2.41
CA TYR A 85 11.45 10.38 -1.97
C TYR A 85 11.04 11.31 -3.10
N TYR A 86 9.99 12.08 -2.87
CA TYR A 86 9.42 12.98 -3.87
C TYR A 86 9.75 14.43 -3.55
N CYS A 87 10.19 15.20 -4.54
CA CYS A 87 10.22 16.64 -4.37
C CYS A 87 8.95 17.23 -4.97
N SER A 88 8.56 18.38 -4.47
CA SER A 88 7.38 19.07 -4.95
C SER A 88 7.60 20.57 -4.82
N SER A 89 6.86 21.36 -5.60
CA SER A 89 6.81 22.79 -5.32
C SER A 89 5.62 23.40 -6.02
N ARG A 90 5.29 24.63 -5.66
CA ARG A 90 4.34 25.41 -6.43
C ARG A 90 4.95 25.59 -7.81
N ASP A 91 4.11 25.73 -8.83
CA ASP A 91 4.63 25.98 -10.16
C ASP A 91 5.01 27.45 -10.22
N SER A 92 5.72 27.85 -11.29
CA SER A 92 6.18 29.23 -11.42
C SER A 92 5.03 30.24 -11.33
N SER A 93 3.86 29.86 -11.82
CA SER A 93 2.66 30.69 -11.69
C SER A 93 2.29 30.90 -10.23
N GLY A 94 2.58 29.90 -9.40
CA GLY A 94 2.22 29.93 -8.00
C GLY A 94 0.77 29.54 -7.80
N ASN A 95 0.19 28.90 -8.81
CA ASN A 95 -1.20 28.49 -8.78
C ASN A 95 -1.38 27.04 -8.36
N HIS A 96 -0.57 26.16 -8.92
CA HIS A 96 -0.73 24.74 -8.66
C HIS A 96 0.52 24.05 -8.11
N TRP A 97 0.39 22.77 -7.77
CA TRP A 97 1.51 22.02 -7.23
C TRP A 97 2.03 21.06 -8.28
N VAL A 98 3.33 20.87 -8.25
CA VAL A 98 4.03 19.99 -9.15
C VAL A 98 4.85 19.01 -8.33
N PHE A 99 4.95 17.76 -8.80
CA PHE A 99 5.78 16.75 -8.17
C PHE A 99 6.87 16.24 -9.11
N GLY A 100 8.05 15.97 -8.57
CA GLY A 100 9.04 15.18 -9.28
C GLY A 100 8.59 13.72 -9.33
N GLY A 101 9.26 12.91 -10.14
CA GLY A 101 8.85 11.54 -10.36
C GLY A 101 9.17 10.59 -9.22
N GLY A 102 9.89 11.10 -8.23
CA GLY A 102 10.31 10.29 -7.09
C GLY A 102 11.66 9.62 -7.29
N THR A 103 12.42 9.50 -6.21
CA THR A 103 13.68 8.76 -6.23
C THR A 103 13.55 7.56 -5.31
N GLU A 104 13.80 6.37 -5.84
CA GLU A 104 13.84 5.16 -5.01
C GLU A 104 15.15 5.09 -4.21
N LEU A 105 15.07 5.25 -2.89
CA LEU A 105 16.29 5.15 -2.10
C LEU A 105 16.45 3.75 -1.54
N THR A 106 17.58 3.14 -1.85
CA THR A 106 17.95 1.83 -1.32
C THR A 106 19.05 2.01 -0.29
N VAL A 107 18.87 1.45 0.89
CA VAL A 107 19.92 1.42 1.90
C VAL A 107 20.60 0.07 1.84
N LEU A 108 21.89 0.05 1.56
CA LEU A 108 22.64 -1.19 1.34
C LEU A 108 23.24 -1.77 2.62
N GLY A 109 23.77 -2.98 2.52
CA GLY A 109 24.41 -3.63 3.64
C GLY A 109 23.47 -4.55 4.38
N GLN A 110 22.24 -4.65 3.89
CA GLN A 110 21.28 -5.57 4.47
C GLN A 110 21.76 -7.01 4.27
N PRO A 111 21.72 -7.81 5.34
CA PRO A 111 22.10 -9.23 5.31
C PRO A 111 21.26 -10.07 4.35
N LYS A 112 21.90 -11.03 3.70
CA LYS A 112 21.19 -12.08 2.99
C LYS A 112 20.18 -12.73 3.93
N ALA A 113 18.97 -12.98 3.46
CA ALA A 113 18.00 -13.68 4.32
C ALA A 113 17.16 -14.65 3.52
N ALA A 114 17.13 -15.90 4.01
CA ALA A 114 16.35 -16.97 3.40
C ALA A 114 14.87 -16.73 3.60
N PRO A 115 14.04 -17.17 2.65
CA PRO A 115 12.61 -16.94 2.84
C PRO A 115 12.04 -17.81 3.95
N SER A 116 11.13 -17.23 4.74
CA SER A 116 10.28 -18.01 5.61
C SER A 116 9.10 -18.49 4.79
N VAL A 117 8.88 -19.80 4.74
CA VAL A 117 7.80 -20.33 3.92
C VAL A 117 6.79 -21.07 4.80
N THR A 118 5.52 -20.73 4.64
CA THR A 118 4.44 -21.41 5.37
C THR A 118 3.45 -21.95 4.36
N LEU A 119 3.20 -23.25 4.42
CA LEU A 119 2.27 -23.88 3.47
C LEU A 119 1.04 -24.42 4.18
N PHE A 120 -0.14 -23.97 3.74
CA PHE A 120 -1.38 -24.45 4.33
C PHE A 120 -2.14 -25.36 3.38
N PRO A 121 -2.69 -26.45 3.91
CA PRO A 121 -3.53 -27.30 3.08
C PRO A 121 -4.92 -26.66 2.91
N PRO A 122 -5.79 -27.25 2.07
CA PRO A 122 -7.17 -26.77 2.04
C PRO A 122 -7.82 -26.90 3.39
N SER A 123 -8.64 -25.92 3.74
CA SER A 123 -9.42 -25.97 4.97
C SER A 123 -10.58 -26.94 4.82
N SER A 124 -11.01 -27.51 5.95
CA SER A 124 -12.23 -28.31 6.00
C SER A 124 -13.37 -27.54 5.36
N GLU A 125 -13.47 -26.26 5.70
CA GLU A 125 -14.60 -25.47 5.27
C GLU A 125 -14.61 -25.37 3.75
N GLU A 126 -13.45 -25.14 3.16
CA GLU A 126 -13.38 -25.02 1.71
C GLU A 126 -13.67 -26.37 1.03
N LEU A 127 -13.15 -27.47 1.59
CA LEU A 127 -13.44 -28.79 1.03
C LEU A 127 -14.94 -29.08 1.05
N GLN A 128 -15.61 -28.68 2.14
CA GLN A 128 -17.06 -28.85 2.25
C GLN A 128 -17.82 -28.11 1.15
N ALA A 129 -17.25 -26.99 0.73
CA ALA A 129 -17.78 -26.20 -0.36
C ALA A 129 -17.26 -26.66 -1.73
N ASN A 130 -16.64 -27.85 -1.73
CA ASN A 130 -16.20 -28.55 -2.95
C ASN A 130 -15.11 -27.82 -3.73
N LYS A 131 -14.20 -27.19 -2.99
CA LYS A 131 -13.03 -26.57 -3.60
C LYS A 131 -11.81 -26.90 -2.75
N ALA A 132 -10.62 -26.67 -3.30
CA ALA A 132 -9.39 -26.98 -2.57
C ALA A 132 -8.32 -26.01 -3.03
N THR A 133 -7.82 -25.20 -2.11
CA THR A 133 -6.75 -24.25 -2.43
C THR A 133 -5.60 -24.45 -1.47
N LEU A 134 -4.41 -24.73 -2.00
CA LEU A 134 -3.18 -24.75 -1.17
C LEU A 134 -2.55 -23.38 -1.15
N VAL A 135 -2.08 -22.94 0.01
CA VAL A 135 -1.62 -21.57 0.16
C VAL A 135 -0.18 -21.57 0.59
N CYS A 136 0.69 -21.01 -0.24
CA CYS A 136 2.12 -20.97 0.06
C CYS A 136 2.54 -19.52 0.32
N LEU A 137 2.91 -19.21 1.56
CA LEU A 137 3.19 -17.84 1.93
C LEU A 137 4.69 -17.66 2.19
N ILE A 138 5.30 -16.69 1.51
CA ILE A 138 6.74 -16.54 1.53
C ILE A 138 7.16 -15.15 2.03
N SER A 139 7.92 -15.07 3.13
CA SER A 139 8.22 -13.75 3.67
C SER A 139 9.66 -13.58 4.15
N ASP A 140 10.02 -12.33 4.38
CA ASP A 140 11.29 -11.97 5.03
C ASP A 140 12.54 -12.46 4.31
N PHE A 141 12.50 -12.52 2.98
CA PHE A 141 13.69 -12.87 2.21
C PHE A 141 14.37 -11.66 1.60
N TYR A 142 15.68 -11.77 1.39
CA TYR A 142 16.48 -10.71 0.77
C TYR A 142 17.71 -11.34 0.11
N PRO A 143 18.01 -10.92 -1.13
CA PRO A 143 17.32 -9.91 -1.93
C PRO A 143 15.95 -10.34 -2.45
N GLY A 144 15.25 -9.42 -3.10
CA GLY A 144 13.84 -9.61 -3.42
C GLY A 144 13.54 -10.32 -4.72
N ALA A 145 14.12 -11.51 -4.89
CA ALA A 145 13.93 -12.29 -6.11
C ALA A 145 13.71 -13.73 -5.73
N VAL A 146 12.53 -14.24 -6.01
CA VAL A 146 12.20 -15.64 -5.77
C VAL A 146 11.36 -16.13 -6.92
N THR A 147 11.31 -17.45 -7.10
CA THR A 147 10.24 -18.04 -7.88
C THR A 147 9.64 -19.18 -7.09
N VAL A 148 8.40 -19.53 -7.42
CA VAL A 148 7.68 -20.53 -6.66
C VAL A 148 7.15 -21.58 -7.62
N ALA A 149 7.25 -22.84 -7.20
CA ALA A 149 6.68 -23.90 -8.02
C ALA A 149 6.03 -24.95 -7.14
N TRP A 150 5.23 -25.79 -7.76
CA TRP A 150 4.46 -26.81 -7.03
C TRP A 150 4.73 -28.21 -7.54
N LYS A 151 4.59 -29.19 -6.63
CA LYS A 151 4.70 -30.60 -6.95
C LYS A 151 3.50 -31.37 -6.37
N ALA A 152 3.02 -32.34 -7.14
CA ALA A 152 2.10 -33.36 -6.65
C ALA A 152 2.94 -34.61 -6.49
N ASP A 153 3.03 -35.12 -5.26
CA ASP A 153 4.00 -36.18 -4.95
C ASP A 153 5.39 -35.70 -5.36
N SER A 154 6.02 -36.36 -6.33
CA SER A 154 7.34 -35.88 -6.77
C SER A 154 7.29 -35.29 -8.19
N SER A 155 6.09 -35.01 -8.68
CA SER A 155 5.90 -34.54 -10.06
C SER A 155 5.51 -33.06 -10.10
N PRO A 156 6.20 -32.28 -10.97
CA PRO A 156 5.88 -30.86 -11.13
C PRO A 156 4.44 -30.64 -11.58
N VAL A 157 3.76 -29.67 -10.97
CA VAL A 157 2.40 -29.29 -11.34
C VAL A 157 2.37 -27.82 -11.72
N LYS A 158 2.02 -27.52 -12.96
CA LYS A 158 2.03 -26.13 -13.42
C LYS A 158 0.64 -25.51 -13.59
N ALA A 159 -0.39 -26.35 -13.72
CA ALA A 159 -1.75 -25.85 -13.94
C ALA A 159 -2.39 -25.40 -12.62
N GLY A 160 -3.32 -24.45 -12.71
CA GLY A 160 -4.04 -23.97 -11.55
C GLY A 160 -3.17 -23.24 -10.53
N VAL A 161 -2.05 -22.69 -11.01
CA VAL A 161 -1.11 -21.99 -10.12
C VAL A 161 -1.23 -20.48 -10.31
N GLU A 162 -1.32 -19.72 -9.23
CA GLU A 162 -1.33 -18.26 -9.31
C GLU A 162 -0.31 -17.71 -8.32
N THR A 163 0.70 -16.99 -8.82
CA THR A 163 1.87 -16.61 -8.03
C THR A 163 2.14 -15.11 -8.17
N THR A 164 2.43 -14.43 -7.06
CA THR A 164 2.76 -13.01 -7.10
C THR A 164 4.23 -12.81 -7.44
N THR A 165 4.56 -11.62 -7.95
CA THR A 165 5.94 -11.18 -7.96
C THR A 165 6.23 -10.60 -6.57
N PRO A 166 7.50 -10.65 -6.15
CA PRO A 166 7.88 -10.13 -4.82
C PRO A 166 7.50 -8.68 -4.59
N SER A 167 7.08 -8.38 -3.37
CA SER A 167 6.73 -7.02 -2.94
C SER A 167 7.47 -6.65 -1.68
N LYS A 168 8.01 -5.44 -1.61
CA LYS A 168 8.81 -5.05 -0.45
C LYS A 168 7.96 -4.92 0.81
N GLN A 169 8.42 -5.54 1.90
CA GLN A 169 7.78 -5.44 3.21
C GLN A 169 8.26 -4.18 3.93
N SER A 170 7.62 -3.84 5.03
CA SER A 170 7.97 -2.62 5.75
C SER A 170 9.36 -2.71 6.41
N ASN A 171 9.85 -3.93 6.62
CA ASN A 171 11.19 -4.10 7.19
C ASN A 171 12.28 -4.23 6.13
N ASN A 172 11.90 -3.91 4.88
CA ASN A 172 12.80 -3.87 3.73
C ASN A 172 13.21 -5.25 3.22
N LYS A 173 12.67 -6.28 3.85
CA LYS A 173 12.71 -7.62 3.26
C LYS A 173 11.50 -7.72 2.33
N TYR A 174 11.26 -8.88 1.76
CA TYR A 174 10.23 -8.99 0.72
C TYR A 174 9.23 -10.09 1.01
N ALA A 175 8.03 -9.98 0.43
CA ALA A 175 7.02 -11.03 0.57
C ALA A 175 6.51 -11.49 -0.80
N ALA A 176 6.05 -12.74 -0.86
CA ALA A 176 5.40 -13.28 -2.05
C ALA A 176 4.45 -14.38 -1.63
N SER A 177 3.61 -14.82 -2.56
CA SER A 177 2.68 -15.88 -2.24
C SER A 177 2.30 -16.64 -3.50
N SER A 178 1.87 -17.88 -3.31
CA SER A 178 1.41 -18.68 -4.43
C SER A 178 0.21 -19.52 -3.99
N TYR A 179 -0.71 -19.75 -4.91
CA TYR A 179 -1.95 -20.45 -4.64
C TYR A 179 -2.13 -21.59 -5.64
N LEU A 180 -2.37 -22.80 -5.16
CA LEU A 180 -2.61 -23.92 -6.07
C LEU A 180 -4.05 -24.39 -5.90
N SER A 181 -4.79 -24.39 -7.01
CA SER A 181 -6.19 -24.80 -7.04
C SER A 181 -6.34 -26.25 -7.47
N LEU A 182 -7.07 -27.03 -6.69
CA LEU A 182 -7.30 -28.44 -6.99
C LEU A 182 -8.79 -28.74 -6.82
N THR A 183 -9.21 -29.87 -7.36
CA THR A 183 -10.49 -30.44 -6.94
C THR A 183 -10.20 -31.18 -5.62
N PRO A 184 -11.21 -31.32 -4.75
CA PRO A 184 -11.08 -32.17 -3.57
C PRO A 184 -10.58 -33.58 -3.93
N GLU A 185 -11.05 -34.11 -5.04
CA GLU A 185 -10.63 -35.43 -5.48
C GLU A 185 -9.12 -35.48 -5.76
N GLN A 186 -8.60 -34.44 -6.43
CA GLN A 186 -7.16 -34.39 -6.68
C GLN A 186 -6.38 -34.37 -5.38
N TRP A 187 -6.79 -33.46 -4.49
CA TRP A 187 -6.14 -33.26 -3.20
C TRP A 187 -6.07 -34.60 -2.44
N LYS A 188 -7.17 -35.33 -2.43
CA LYS A 188 -7.24 -36.60 -1.71
C LYS A 188 -6.41 -37.71 -2.37
N SER A 189 -6.15 -37.56 -3.66
CA SER A 189 -5.57 -38.65 -4.46
C SER A 189 -4.08 -38.88 -4.20
N HIS A 190 -3.36 -37.81 -3.88
CA HIS A 190 -1.91 -37.90 -3.77
C HIS A 190 -1.42 -38.11 -2.35
N ARG A 191 -0.18 -38.59 -2.26
CA ARG A 191 0.48 -38.78 -0.98
C ARG A 191 0.81 -37.43 -0.36
N SER A 192 1.24 -36.49 -1.19
CA SER A 192 1.61 -35.16 -0.72
C SER A 192 1.56 -34.13 -1.85
N TYR A 193 1.47 -32.85 -1.47
CA TYR A 193 1.75 -31.76 -2.39
C TYR A 193 2.88 -30.93 -1.77
N SER A 194 3.67 -30.28 -2.62
CA SER A 194 4.77 -29.44 -2.14
C SER A 194 4.76 -28.04 -2.78
N CYS A 195 5.13 -27.04 -1.98
CA CYS A 195 5.45 -25.73 -2.49
C CYS A 195 6.96 -25.61 -2.44
N GLN A 196 7.57 -25.21 -3.56
CA GLN A 196 9.00 -25.15 -3.64
C GLN A 196 9.44 -23.74 -4.02
N VAL A 197 10.18 -23.10 -3.12
CA VAL A 197 10.60 -21.71 -3.31
C VAL A 197 12.10 -21.63 -3.61
N THR A 198 12.45 -21.02 -4.74
CA THR A 198 13.84 -20.87 -5.12
C THR A 198 14.33 -19.46 -4.80
N HIS A 199 15.38 -19.36 -4.00
CA HIS A 199 15.94 -18.08 -3.59
C HIS A 199 17.44 -18.19 -3.56
N GLU A 200 18.10 -17.41 -4.40
CA GLU A 200 19.55 -17.31 -4.45
C GLU A 200 20.25 -18.67 -4.45
N GLY A 201 19.87 -19.52 -5.39
CA GLY A 201 20.53 -20.81 -5.56
C GLY A 201 20.24 -21.81 -4.45
N SER A 202 19.26 -21.48 -3.62
CA SER A 202 18.78 -22.38 -2.58
C SER A 202 17.31 -22.71 -2.82
N THR A 203 16.84 -23.84 -2.33
CA THR A 203 15.44 -24.19 -2.45
C THR A 203 14.80 -24.49 -1.09
N VAL A 204 13.63 -23.91 -0.83
CA VAL A 204 12.88 -24.25 0.38
C VAL A 204 11.63 -25.00 -0.05
N GLU A 205 11.51 -26.26 0.36
CA GLU A 205 10.33 -27.06 0.03
C GLU A 205 9.55 -27.39 1.29
N LYS A 206 8.26 -27.06 1.26
CA LYS A 206 7.36 -27.41 2.35
C LYS A 206 6.34 -28.39 1.79
N THR A 207 5.91 -29.37 2.59
CA THR A 207 4.96 -30.34 2.11
C THR A 207 3.71 -30.41 2.99
N VAL A 208 2.57 -30.74 2.39
CA VAL A 208 1.35 -31.06 3.13
C VAL A 208 0.73 -32.32 2.54
N ALA A 209 -0.06 -33.02 3.34
CA ALA A 209 -0.68 -34.28 2.92
C ALA A 209 -2.11 -34.32 3.48
N PRO A 210 -3.06 -34.87 2.70
CA PRO A 210 -4.44 -34.94 3.21
C PRO A 210 -4.54 -35.75 4.50
N THR A 211 -3.57 -36.63 4.72
CA THR A 211 -3.47 -37.40 5.96
C THR A 211 -3.27 -36.48 7.17
N VAL B 2 -4.30 18.20 14.39
CA VAL B 2 -5.02 18.33 13.12
C VAL B 2 -4.81 17.12 12.22
N GLN B 3 -5.82 16.25 12.14
CA GLN B 3 -5.75 15.05 11.32
C GLN B 3 -6.84 15.05 10.26
N LEU B 4 -6.59 14.32 9.17
CA LEU B 4 -7.56 14.21 8.08
C LEU B 4 -8.07 12.78 7.97
N GLN B 5 -9.39 12.64 7.88
CA GLN B 5 -10.03 11.35 7.72
C GLN B 5 -10.70 11.30 6.35
N GLN B 6 -10.54 10.19 5.64
CA GLN B 6 -11.07 10.07 4.29
C GLN B 6 -12.13 8.98 4.18
N SER B 7 -13.03 9.14 3.21
CA SER B 7 -14.05 8.13 2.96
C SER B 7 -13.44 6.86 2.42
N GLY B 8 -14.22 5.79 2.44
CA GLY B 8 -13.73 4.46 2.17
C GLY B 8 -13.64 4.11 0.70
N ALA B 9 -13.01 2.96 0.43
CA ALA B 9 -12.73 2.54 -0.94
C ALA B 9 -14.01 2.42 -1.76
N GLU B 10 -13.89 2.70 -3.05
CA GLU B 10 -15.03 2.64 -3.96
C GLU B 10 -14.67 2.01 -5.29
N VAL B 11 -15.70 1.59 -6.02
CA VAL B 11 -15.52 1.13 -7.38
C VAL B 11 -16.60 1.77 -8.21
N LYS B 12 -16.24 2.25 -9.40
CA LYS B 12 -17.16 2.93 -10.27
C LYS B 12 -16.93 2.46 -11.70
N LYS B 13 -17.97 2.52 -12.51
CA LYS B 13 -17.87 2.11 -13.89
C LYS B 13 -17.36 3.29 -14.75
N PRO B 14 -16.61 3.00 -15.82
CA PRO B 14 -16.20 4.08 -16.72
C PRO B 14 -17.40 4.92 -17.12
N GLY B 15 -17.22 6.24 -17.11
CA GLY B 15 -18.25 7.15 -17.56
C GLY B 15 -19.02 7.75 -16.40
N SER B 16 -18.93 7.13 -15.22
CA SER B 16 -19.64 7.64 -14.06
C SER B 16 -18.75 8.61 -13.29
N SER B 17 -19.11 8.87 -12.04
CA SER B 17 -18.41 9.85 -11.24
C SER B 17 -18.24 9.31 -9.83
N VAL B 18 -17.25 9.82 -9.13
CA VAL B 18 -17.00 9.41 -7.76
C VAL B 18 -16.79 10.65 -6.91
N ARG B 19 -17.27 10.61 -5.68
CA ARG B 19 -17.06 11.68 -4.72
C ARG B 19 -16.27 11.14 -3.54
N VAL B 20 -15.15 11.78 -3.25
CA VAL B 20 -14.27 11.37 -2.15
C VAL B 20 -14.17 12.49 -1.10
N SER B 21 -14.37 12.12 0.17
CA SER B 21 -14.44 13.09 1.28
C SER B 21 -13.16 13.14 2.08
N CYS B 22 -12.86 14.34 2.58
CA CYS B 22 -11.74 14.59 3.49
C CYS B 22 -12.28 15.40 4.67
N LYS B 23 -12.21 14.84 5.87
CA LYS B 23 -12.81 15.47 7.03
C LYS B 23 -11.73 15.87 8.03
N ALA B 24 -11.82 17.09 8.53
CA ALA B 24 -10.87 17.58 9.52
C ALA B 24 -11.27 17.12 10.91
N SER B 25 -10.34 16.49 11.63
CA SER B 25 -10.62 15.95 12.96
C SER B 25 -11.14 16.98 13.95
N GLY B 26 -10.62 18.21 13.88
CA GLY B 26 -11.01 19.26 14.81
C GLY B 26 -12.33 19.95 14.49
N GLY B 27 -12.96 19.56 13.39
CA GLY B 27 -14.25 20.11 13.01
C GLY B 27 -14.15 21.32 12.10
N THR B 28 -12.94 21.80 11.87
CA THR B 28 -12.75 23.03 11.09
C THR B 28 -11.48 22.99 10.23
N PHE B 29 -11.53 23.69 9.09
CA PHE B 29 -10.35 23.86 8.26
C PHE B 29 -9.66 25.19 8.53
N ASN B 30 -10.32 26.03 9.30
CA ASN B 30 -9.82 27.37 9.55
C ASN B 30 -9.43 28.05 8.24
N ASN B 31 -8.15 28.40 8.22
CA ASN B 31 -7.46 29.19 7.22
C ASN B 31 -6.89 28.38 6.06
N ASN B 32 -6.90 27.08 6.24
CA ASN B 32 -6.09 26.20 5.40
C ASN B 32 -6.73 25.80 4.09
N ALA B 33 -5.88 25.27 3.21
CA ALA B 33 -6.33 24.68 1.97
C ALA B 33 -6.31 23.17 2.10
N ILE B 34 -7.26 22.52 1.44
CA ILE B 34 -7.24 21.07 1.31
C ILE B 34 -6.93 20.76 -0.14
N ASN B 35 -5.86 19.98 -0.35
CA ASN B 35 -5.41 19.59 -1.67
C ASN B 35 -5.68 18.11 -1.95
N TRP B 36 -5.94 17.79 -3.21
CA TRP B 36 -6.20 16.42 -3.62
C TRP B 36 -5.06 15.99 -4.53
N VAL B 37 -4.43 14.88 -4.15
CA VAL B 37 -3.26 14.33 -4.82
C VAL B 37 -3.49 12.84 -5.04
N ARG B 38 -3.34 12.38 -6.28
CA ARG B 38 -3.60 10.96 -6.51
C ARG B 38 -2.35 10.20 -6.94
N GLN B 39 -2.44 8.88 -6.84
CA GLN B 39 -1.33 8.01 -7.14
C GLN B 39 -1.85 6.73 -7.75
N ALA B 40 -1.63 6.56 -9.05
CA ALA B 40 -2.03 5.33 -9.73
C ALA B 40 -1.11 4.22 -9.24
N PRO B 41 -1.58 2.97 -9.27
CA PRO B 41 -0.82 1.85 -8.68
C PRO B 41 0.63 1.80 -9.17
N GLY B 42 1.56 1.84 -8.22
CA GLY B 42 2.98 1.76 -8.54
C GLY B 42 3.59 2.99 -9.17
N GLN B 43 2.82 4.08 -9.28
CA GLN B 43 3.32 5.29 -9.93
C GLN B 43 3.54 6.44 -8.95
N GLY B 44 3.83 7.61 -9.50
CA GLY B 44 4.13 8.79 -8.70
C GLY B 44 2.91 9.57 -8.27
N LEU B 45 3.16 10.72 -7.65
CA LEU B 45 2.11 11.60 -7.15
C LEU B 45 1.69 12.65 -8.17
N GLU B 46 0.39 12.92 -8.26
CA GLU B 46 -0.11 13.97 -9.14
C GLU B 46 -1.16 14.80 -8.43
N TRP B 47 -0.90 16.10 -8.36
CA TRP B 47 -1.86 17.05 -7.82
C TRP B 47 -3.06 17.21 -8.74
N MET B 48 -4.24 17.17 -8.15
CA MET B 48 -5.48 17.35 -8.92
C MET B 48 -6.11 18.72 -8.76
N GLY B 49 -6.01 19.27 -7.57
CA GLY B 49 -6.59 20.55 -7.30
C GLY B 49 -6.62 20.77 -5.80
N GLY B 50 -7.09 21.94 -5.39
CA GLY B 50 -7.23 22.27 -3.99
C GLY B 50 -8.31 23.29 -3.76
N ILE B 51 -8.75 23.40 -2.51
CA ILE B 51 -9.77 24.35 -2.12
C ILE B 51 -9.38 25.00 -0.81
N ILE B 52 -9.76 26.26 -0.64
CA ILE B 52 -9.72 26.93 0.65
C ILE B 52 -11.16 27.05 1.16
N PRO B 53 -11.59 26.12 2.02
CA PRO B 53 -12.98 26.04 2.46
C PRO B 53 -13.51 27.32 3.11
N MET B 54 -12.64 28.11 3.72
CA MET B 54 -13.06 29.35 4.36
C MET B 54 -13.71 30.30 3.35
N PHE B 55 -13.27 30.23 2.10
CA PHE B 55 -13.82 31.11 1.07
C PHE B 55 -14.44 30.29 -0.05
N GLY B 56 -14.13 29.00 -0.07
CA GLY B 56 -14.64 28.11 -1.10
C GLY B 56 -13.87 28.15 -2.40
N THR B 57 -12.77 28.90 -2.40
CA THR B 57 -12.01 29.12 -3.61
C THR B 57 -11.16 27.92 -4.01
N ALA B 58 -11.26 27.51 -5.26
CA ALA B 58 -10.57 26.32 -5.71
C ALA B 58 -9.81 26.54 -7.01
N LYS B 59 -8.73 25.78 -7.18
CA LYS B 59 -7.95 25.76 -8.42
C LYS B 59 -7.71 24.32 -8.81
N TYR B 60 -7.62 24.06 -10.10
CA TYR B 60 -7.52 22.69 -10.60
C TYR B 60 -6.35 22.49 -11.55
N SER B 61 -5.81 21.28 -11.54
CA SER B 61 -4.86 20.87 -12.56
C SER B 61 -5.53 20.85 -13.92
N GLN B 62 -4.84 21.37 -14.94
CA GLN B 62 -5.42 21.40 -16.27
C GLN B 62 -5.57 20.01 -16.85
N ASN B 63 -4.93 19.01 -16.23
CA ASN B 63 -5.12 17.64 -16.68
C ASN B 63 -6.56 17.14 -16.47
N PHE B 64 -7.28 17.80 -15.56
CA PHE B 64 -8.63 17.35 -15.18
C PHE B 64 -9.71 18.43 -15.36
N GLN B 65 -9.31 19.67 -15.62
CA GLN B 65 -10.29 20.77 -15.71
C GLN B 65 -11.43 20.38 -16.64
N GLY B 66 -12.65 20.58 -16.19
CA GLY B 66 -13.80 20.11 -16.95
C GLY B 66 -14.44 18.85 -16.38
N ARG B 67 -13.69 18.08 -15.59
CA ARG B 67 -14.35 16.91 -14.98
C ARG B 67 -13.94 16.71 -13.54
N VAL B 68 -13.37 17.74 -12.92
CA VAL B 68 -13.12 17.70 -11.47
C VAL B 68 -13.75 18.91 -10.78
N ALA B 69 -14.33 18.67 -9.61
CA ALA B 69 -14.94 19.74 -8.85
C ALA B 69 -14.68 19.49 -7.38
N ILE B 70 -14.14 20.49 -6.68
CA ILE B 70 -13.92 20.34 -5.26
C ILE B 70 -14.84 21.31 -4.53
N THR B 71 -15.55 20.81 -3.53
CA THR B 71 -16.45 21.62 -2.72
C THR B 71 -16.17 21.37 -1.24
N ALA B 72 -16.79 22.16 -0.37
CA ALA B 72 -16.53 22.02 1.05
C ALA B 72 -17.72 22.45 1.87
N ASP B 73 -17.83 21.87 3.06
CA ASP B 73 -18.81 22.30 4.05
C ASP B 73 -18.06 22.72 5.30
N GLU B 74 -17.79 24.01 5.43
CA GLU B 74 -16.99 24.56 6.52
C GLU B 74 -17.61 24.27 7.88
N SER B 75 -18.92 24.06 7.88
CA SER B 75 -19.69 23.81 9.10
C SER B 75 -19.50 22.40 9.67
N THR B 76 -19.22 21.45 8.79
CA THR B 76 -18.96 20.09 9.21
C THR B 76 -17.48 19.72 9.01
N GLY B 77 -16.70 20.71 8.61
CA GLY B 77 -15.27 20.51 8.39
C GLY B 77 -15.02 19.38 7.41
N THR B 78 -15.78 19.37 6.33
CA THR B 78 -15.63 18.33 5.33
C THR B 78 -15.39 18.92 3.95
N ALA B 79 -14.45 18.34 3.21
CA ALA B 79 -14.21 18.74 1.83
C ALA B 79 -14.40 17.54 0.93
N SER B 80 -14.94 17.77 -0.26
CA SER B 80 -15.18 16.68 -1.21
C SER B 80 -14.61 16.96 -2.58
N MET B 81 -14.05 15.94 -3.20
CA MET B 81 -13.62 16.06 -4.58
C MET B 81 -14.46 15.13 -5.45
N GLU B 82 -15.08 15.69 -6.48
CA GLU B 82 -15.87 14.89 -7.40
C GLU B 82 -15.12 14.77 -8.73
N LEU B 83 -14.81 13.54 -9.14
CA LEU B 83 -14.16 13.31 -10.43
C LEU B 83 -15.15 12.60 -11.33
N SER B 84 -15.51 13.22 -12.44
CA SER B 84 -16.53 12.65 -13.32
C SER B 84 -15.94 12.22 -14.66
N SER B 85 -16.81 11.71 -15.55
CA SER B 85 -16.40 11.08 -16.81
C SER B 85 -15.24 10.12 -16.59
N LEU B 86 -15.43 9.20 -15.64
CA LEU B 86 -14.34 8.35 -15.19
C LEU B 86 -13.87 7.42 -16.29
N ARG B 87 -12.57 7.19 -16.30
CA ARG B 87 -11.91 6.29 -17.22
C ARG B 87 -11.09 5.31 -16.41
N SER B 88 -10.77 4.17 -17.01
CA SER B 88 -9.94 3.15 -16.35
C SER B 88 -8.66 3.73 -15.75
N GLU B 89 -8.05 4.67 -16.46
CA GLU B 89 -6.78 5.26 -16.03
C GLU B 89 -6.94 6.12 -14.77
N ASP B 90 -8.19 6.37 -14.35
CA ASP B 90 -8.43 7.09 -13.11
C ASP B 90 -8.33 6.18 -11.89
N THR B 91 -8.06 4.91 -12.11
CA THR B 91 -7.86 4.01 -10.99
C THR B 91 -6.62 4.44 -10.20
N ALA B 92 -6.81 4.73 -8.92
CA ALA B 92 -5.73 5.32 -8.14
C ALA B 92 -6.10 5.39 -6.67
N VAL B 93 -5.10 5.63 -5.83
CA VAL B 93 -5.38 6.06 -4.46
C VAL B 93 -5.40 7.58 -4.45
N TYR B 94 -6.45 8.13 -3.87
CA TYR B 94 -6.66 9.56 -3.80
C TYR B 94 -6.41 10.07 -2.39
N TYR B 95 -5.41 10.93 -2.22
CA TYR B 95 -5.09 11.53 -0.91
C TYR B 95 -5.60 12.96 -0.77
N CYS B 96 -5.99 13.36 0.44
CA CYS B 96 -6.08 14.79 0.74
C CYS B 96 -4.91 15.21 1.64
N ALA B 97 -4.47 16.45 1.46
CA ALA B 97 -3.35 16.97 2.24
C ALA B 97 -3.54 18.45 2.47
N ARG B 98 -3.28 18.88 3.69
CA ARG B 98 -3.43 20.28 4.06
C ARG B 98 -2.25 21.13 3.60
N SER B 99 -2.55 22.33 3.12
CA SER B 99 -1.52 23.37 3.03
C SER B 99 -1.97 24.58 3.83
N ARG B 100 -1.01 25.30 4.41
CA ARG B 100 -1.35 26.49 5.19
C ARG B 100 -1.52 27.71 4.30
N ASP B 101 -2.06 28.78 4.87
CA ASP B 101 -2.31 30.02 4.15
C ASP B 101 -1.06 30.52 3.44
N LEU B 102 -1.21 30.79 2.15
CA LEU B 102 -0.10 31.21 1.28
C LEU B 102 0.73 32.37 1.75
N LEU B 103 0.09 33.49 2.05
CA LEU B 103 0.83 34.70 2.32
C LEU B 103 1.43 34.67 3.73
N LEU B 104 0.82 33.90 4.63
CA LEU B 104 1.32 33.82 5.99
C LEU B 104 2.36 32.72 6.18
N PHE B 105 2.30 31.72 5.30
CA PHE B 105 3.22 30.57 5.32
C PHE B 105 3.71 30.29 3.90
N PRO B 106 4.50 31.21 3.34
CA PRO B 106 4.89 31.14 1.93
C PRO B 106 5.69 29.91 1.55
N HIS B 107 6.50 29.41 2.48
CA HIS B 107 7.43 28.34 2.16
C HIS B 107 7.01 26.98 2.67
N HIS B 108 5.82 26.91 3.27
CA HIS B 108 5.36 25.65 3.82
C HIS B 108 4.78 24.76 2.72
N ALA B 109 4.43 23.53 3.08
CA ALA B 109 4.12 22.52 2.08
C ALA B 109 2.85 21.76 2.39
N LEU B 110 2.81 20.49 1.99
CA LEU B 110 1.63 19.65 2.17
C LEU B 110 1.77 18.73 3.37
N SER B 111 0.94 18.96 4.38
CA SER B 111 1.00 18.21 5.62
C SER B 111 -0.07 18.73 6.57
N PRO B 112 -0.81 17.84 7.23
CA PRO B 112 -0.69 16.38 7.14
C PRO B 112 -1.38 15.81 5.91
N TRP B 113 -1.19 14.51 5.71
CA TRP B 113 -1.86 13.76 4.65
C TRP B 113 -2.90 12.82 5.25
N GLY B 114 -4.02 12.66 4.55
CA GLY B 114 -4.96 11.59 4.89
C GLY B 114 -4.38 10.24 4.51
N ARG B 115 -5.05 9.16 4.91
CA ARG B 115 -4.57 7.80 4.70
C ARG B 115 -4.80 7.33 3.25
N GLY B 116 -5.60 8.07 2.51
CA GLY B 116 -5.86 7.75 1.11
C GLY B 116 -7.17 6.98 0.93
N THR B 117 -7.78 7.17 -0.24
CA THR B 117 -9.01 6.46 -0.63
C THR B 117 -8.78 5.76 -1.95
N MET B 118 -8.87 4.44 -1.98
CA MET B 118 -8.66 3.71 -3.22
C MET B 118 -9.94 3.77 -4.04
N VAL B 119 -9.82 4.27 -5.26
CA VAL B 119 -10.92 4.24 -6.23
C VAL B 119 -10.52 3.42 -7.45
N THR B 120 -11.33 2.41 -7.75
CA THR B 120 -11.09 1.58 -8.93
C THR B 120 -12.15 1.92 -9.94
N VAL B 121 -11.74 2.13 -11.19
CA VAL B 121 -12.66 2.36 -12.27
C VAL B 121 -12.59 1.13 -13.16
N SER B 122 -13.69 0.38 -13.22
CA SER B 122 -13.71 -0.91 -13.89
C SER B 122 -15.13 -1.28 -14.29
N SER B 123 -15.27 -1.90 -15.44
CA SER B 123 -16.56 -2.41 -15.86
C SER B 123 -16.73 -3.88 -15.46
N ALA B 124 -15.69 -4.48 -14.87
CA ALA B 124 -15.80 -5.85 -14.39
C ALA B 124 -16.75 -5.88 -13.18
N SER B 125 -17.42 -7.02 -12.96
CA SER B 125 -18.39 -7.12 -11.88
C SER B 125 -17.72 -7.14 -10.51
N THR B 126 -18.34 -6.51 -9.51
CA THR B 126 -17.86 -6.60 -8.15
C THR B 126 -18.11 -8.02 -7.63
N LYS B 127 -17.19 -8.50 -6.80
CA LYS B 127 -17.28 -9.88 -6.31
C LYS B 127 -16.75 -9.91 -4.88
N GLY B 128 -17.59 -10.26 -3.91
CA GLY B 128 -17.15 -10.36 -2.54
C GLY B 128 -16.32 -11.61 -2.32
N PRO B 129 -15.41 -11.60 -1.33
CA PRO B 129 -14.54 -12.77 -1.13
C PRO B 129 -15.19 -13.92 -0.38
N SER B 130 -14.64 -15.11 -0.54
CA SER B 130 -14.88 -16.22 0.39
C SER B 130 -13.75 -16.22 1.40
N VAL B 131 -14.07 -16.41 2.68
CA VAL B 131 -13.03 -16.36 3.70
C VAL B 131 -12.91 -17.72 4.35
N PHE B 132 -11.70 -18.28 4.40
CA PHE B 132 -11.52 -19.59 5.03
C PHE B 132 -10.41 -19.51 6.06
N PRO B 133 -10.55 -20.24 7.17
CA PRO B 133 -9.48 -20.28 8.17
C PRO B 133 -8.32 -21.15 7.70
N LEU B 134 -7.11 -20.71 8.00
CA LEU B 134 -5.90 -21.48 7.73
C LEU B 134 -5.38 -21.98 9.07
N ALA B 135 -5.69 -23.22 9.40
CA ALA B 135 -5.49 -23.74 10.75
C ALA B 135 -4.02 -23.97 11.07
N PRO B 136 -3.61 -23.72 12.32
CA PRO B 136 -2.20 -23.89 12.70
C PRO B 136 -1.74 -25.34 12.55
N GLY B 144 7.75 -23.80 20.32
CA GLY B 144 8.01 -22.45 19.89
C GLY B 144 6.75 -21.76 19.37
N THR B 145 6.76 -21.43 18.09
CA THR B 145 5.67 -20.70 17.48
C THR B 145 4.94 -21.50 16.40
N ALA B 146 3.72 -21.08 16.11
CA ALA B 146 2.94 -21.68 15.05
C ALA B 146 2.35 -20.57 14.20
N ALA B 147 2.03 -20.86 12.95
CA ALA B 147 1.40 -19.88 12.10
C ALA B 147 -0.02 -20.29 11.80
N LEU B 148 -0.94 -19.34 11.89
CA LEU B 148 -2.30 -19.59 11.50
C LEU B 148 -2.75 -18.39 10.68
N GLY B 149 -3.82 -18.52 9.92
CA GLY B 149 -4.19 -17.43 9.05
C GLY B 149 -5.61 -17.44 8.53
N CYS B 150 -5.90 -16.49 7.64
CA CYS B 150 -7.16 -16.49 6.92
C CYS B 150 -6.89 -16.31 5.44
N LEU B 151 -7.57 -17.12 4.64
CA LEU B 151 -7.53 -17.02 3.20
C LEU B 151 -8.72 -16.19 2.74
N VAL B 152 -8.46 -15.19 1.90
CA VAL B 152 -9.50 -14.32 1.36
C VAL B 152 -9.55 -14.48 -0.14
N LYS B 153 -10.52 -15.23 -0.63
CA LYS B 153 -10.36 -15.84 -1.93
C LYS B 153 -11.34 -15.25 -2.96
N ASP B 154 -10.82 -14.98 -4.15
CA ASP B 154 -11.66 -14.65 -5.33
C ASP B 154 -12.56 -13.45 -5.14
N TYR B 155 -11.96 -12.27 -5.07
CA TYR B 155 -12.76 -11.06 -4.94
C TYR B 155 -12.38 -10.02 -5.98
N PHE B 156 -13.23 -9.01 -6.14
CA PHE B 156 -12.95 -7.89 -7.03
C PHE B 156 -13.82 -6.71 -6.65
N PRO B 157 -13.25 -5.49 -6.64
CA PRO B 157 -11.85 -5.12 -6.86
C PRO B 157 -11.05 -5.04 -5.55
N GLU B 158 -9.79 -4.58 -5.63
CA GLU B 158 -9.08 -4.15 -4.43
C GLU B 158 -9.81 -2.95 -3.83
N PRO B 159 -9.63 -2.67 -2.52
CA PRO B 159 -8.81 -3.39 -1.55
C PRO B 159 -9.63 -4.22 -0.59
N VAL B 160 -8.92 -5.11 0.11
CA VAL B 160 -9.45 -5.83 1.25
C VAL B 160 -8.60 -5.43 2.45
N THR B 161 -9.22 -5.28 3.62
CA THR B 161 -8.45 -5.13 4.85
C THR B 161 -8.69 -6.29 5.80
N VAL B 162 -7.67 -6.64 6.56
CA VAL B 162 -7.79 -7.71 7.53
C VAL B 162 -7.24 -7.22 8.85
N SER B 163 -8.01 -7.43 9.92
CA SER B 163 -7.50 -7.21 11.27
C SER B 163 -7.64 -8.53 12.01
N TRP B 164 -7.05 -8.61 13.19
CA TRP B 164 -7.15 -9.82 14.00
C TRP B 164 -7.68 -9.45 15.36
N ASN B 165 -8.60 -10.26 15.86
CA ASN B 165 -9.27 -9.99 17.14
C ASN B 165 -9.75 -8.55 17.27
N SER B 166 -10.43 -8.08 16.22
CA SER B 166 -11.00 -6.74 16.17
C SER B 166 -9.94 -5.66 16.38
N GLY B 167 -8.70 -5.95 15.97
CA GLY B 167 -7.65 -4.96 16.04
C GLY B 167 -6.84 -5.04 17.31
N ALA B 168 -7.29 -5.89 18.24
CA ALA B 168 -6.60 -6.05 19.51
C ALA B 168 -5.23 -6.69 19.30
N LEU B 169 -5.16 -7.52 18.26
CA LEU B 169 -3.96 -8.28 17.99
C LEU B 169 -3.23 -7.74 16.75
N THR B 170 -2.04 -7.19 16.98
CA THR B 170 -1.27 -6.57 15.90
C THR B 170 0.12 -7.17 15.78
N SER B 171 0.71 -7.57 16.91
CA SER B 171 2.04 -8.15 16.90
C SER B 171 2.03 -9.51 16.22
N GLY B 172 2.94 -9.69 15.27
CA GLY B 172 3.11 -10.96 14.60
C GLY B 172 2.17 -11.14 13.43
N VAL B 173 1.40 -10.10 13.11
CA VAL B 173 0.49 -10.14 11.97
C VAL B 173 1.20 -9.80 10.65
N HIS B 174 0.92 -10.57 9.60
CA HIS B 174 1.42 -10.25 8.26
C HIS B 174 0.32 -10.51 7.26
N THR B 175 -0.22 -9.44 6.70
CA THR B 175 -1.25 -9.55 5.68
C THR B 175 -0.56 -9.34 4.33
N PHE B 176 -0.64 -10.35 3.46
CA PHE B 176 0.17 -10.35 2.24
C PHE B 176 -0.48 -9.51 1.16
N PRO B 177 0.32 -8.99 0.23
CA PRO B 177 -0.25 -8.37 -0.98
C PRO B 177 -1.05 -9.37 -1.77
N ALA B 178 -2.14 -8.93 -2.37
CA ALA B 178 -3.01 -9.81 -3.13
C ALA B 178 -2.35 -10.31 -4.41
N VAL B 179 -2.73 -11.50 -4.84
CA VAL B 179 -2.37 -12.00 -6.14
C VAL B 179 -3.48 -11.63 -7.08
N LEU B 180 -3.12 -11.15 -8.27
CA LEU B 180 -4.10 -10.94 -9.31
C LEU B 180 -4.12 -12.20 -10.17
N GLN B 181 -5.18 -12.97 -10.04
CA GLN B 181 -5.25 -14.23 -10.77
C GLN B 181 -5.43 -14.02 -12.27
N SER B 182 -5.15 -15.06 -13.06
CA SER B 182 -5.33 -14.99 -14.52
C SER B 182 -6.82 -14.76 -14.84
N SER B 183 -7.68 -15.17 -13.91
CA SER B 183 -9.12 -14.96 -14.04
C SER B 183 -9.55 -13.51 -13.95
N GLY B 184 -8.70 -12.69 -13.35
CA GLY B 184 -9.01 -11.29 -13.14
C GLY B 184 -9.54 -11.01 -11.75
N LEU B 185 -9.68 -12.05 -10.93
CA LEU B 185 -10.01 -11.86 -9.52
C LEU B 185 -8.78 -11.88 -8.65
N TYR B 186 -8.91 -11.36 -7.42
CA TYR B 186 -7.81 -11.31 -6.46
C TYR B 186 -7.97 -12.31 -5.33
N SER B 187 -6.86 -12.68 -4.70
CA SER B 187 -6.89 -13.44 -3.46
C SER B 187 -5.76 -12.91 -2.58
N LEU B 188 -5.96 -12.86 -1.27
CA LEU B 188 -4.84 -12.59 -0.38
C LEU B 188 -4.99 -13.47 0.84
N SER B 189 -3.94 -13.48 1.64
CA SER B 189 -3.91 -14.20 2.90
C SER B 189 -3.35 -13.28 3.98
N SER B 190 -3.77 -13.52 5.22
CA SER B 190 -3.19 -12.86 6.37
C SER B 190 -2.81 -13.95 7.35
N VAL B 191 -1.62 -13.88 7.92
CA VAL B 191 -1.15 -14.90 8.85
C VAL B 191 -0.72 -14.19 10.14
N VAL B 192 -0.92 -14.83 11.29
CA VAL B 192 -0.29 -14.35 12.50
C VAL B 192 0.58 -15.46 13.10
N THR B 193 1.75 -15.07 13.60
CA THR B 193 2.64 -16.00 14.27
C THR B 193 2.40 -15.87 15.76
N VAL B 194 2.14 -17.00 16.41
CA VAL B 194 1.73 -17.00 17.82
C VAL B 194 2.48 -18.10 18.55
N PRO B 195 2.56 -18.02 19.89
CA PRO B 195 3.13 -19.12 20.67
C PRO B 195 2.28 -20.39 20.57
N SER B 196 2.91 -21.53 20.32
CA SER B 196 2.18 -22.77 20.15
C SER B 196 1.45 -23.16 21.43
N SER B 197 1.98 -22.74 22.57
CA SER B 197 1.34 -23.02 23.86
C SER B 197 -0.05 -22.40 23.95
N SER B 198 -0.31 -21.40 23.11
CA SER B 198 -1.57 -20.64 23.17
C SER B 198 -2.69 -21.26 22.35
N LEU B 199 -2.35 -22.21 21.47
CA LEU B 199 -3.33 -22.73 20.51
C LEU B 199 -4.57 -23.36 21.16
N GLY B 200 -4.38 -24.07 22.27
CA GLY B 200 -5.52 -24.62 22.96
C GLY B 200 -6.48 -23.58 23.54
N THR B 201 -5.95 -22.43 23.91
CA THR B 201 -6.63 -21.58 24.89
C THR B 201 -6.99 -20.17 24.40
N GLN B 202 -6.16 -19.61 23.54
CA GLN B 202 -6.43 -18.26 23.02
C GLN B 202 -7.26 -18.31 21.75
N THR B 203 -8.35 -17.54 21.73
CA THR B 203 -9.15 -17.41 20.52
C THR B 203 -8.53 -16.45 19.52
N TYR B 204 -8.42 -16.89 18.27
CA TYR B 204 -7.88 -16.08 17.18
C TYR B 204 -8.92 -15.90 16.08
N ILE B 205 -9.22 -14.65 15.75
CA ILE B 205 -10.30 -14.35 14.81
C ILE B 205 -9.83 -13.34 13.80
N CYS B 206 -9.97 -13.66 12.50
CA CYS B 206 -9.64 -12.66 11.49
C CYS B 206 -10.89 -11.90 11.10
N ASN B 207 -10.72 -10.59 10.89
CA ASN B 207 -11.82 -9.70 10.54
C ASN B 207 -11.54 -9.19 9.16
N VAL B 208 -12.34 -9.62 8.19
CA VAL B 208 -12.10 -9.33 6.79
C VAL B 208 -13.11 -8.32 6.28
N ASN B 209 -12.64 -7.25 5.66
CA ASN B 209 -13.53 -6.19 5.19
C ASN B 209 -13.30 -5.95 3.70
N HIS B 210 -14.37 -5.95 2.91
CA HIS B 210 -14.29 -5.64 1.49
C HIS B 210 -15.42 -4.69 1.19
N LYS B 211 -15.15 -3.39 1.20
CA LYS B 211 -16.21 -2.41 1.12
C LYS B 211 -17.06 -2.45 -0.16
N PRO B 212 -16.43 -2.66 -1.34
CA PRO B 212 -17.26 -2.67 -2.56
C PRO B 212 -18.38 -3.71 -2.60
N SER B 213 -18.20 -4.84 -1.93
CA SER B 213 -19.22 -5.87 -1.85
C SER B 213 -20.00 -5.81 -0.52
N ASN B 214 -19.65 -4.83 0.31
CA ASN B 214 -20.25 -4.71 1.65
C ASN B 214 -20.08 -6.01 2.43
N THR B 215 -18.87 -6.54 2.36
CA THR B 215 -18.49 -7.75 3.11
C THR B 215 -17.78 -7.36 4.39
N LYS B 216 -18.29 -7.85 5.52
CA LYS B 216 -17.61 -7.71 6.80
C LYS B 216 -17.77 -9.04 7.52
N VAL B 217 -16.74 -9.88 7.49
CA VAL B 217 -16.89 -11.25 7.98
C VAL B 217 -15.81 -11.58 9.00
N ASP B 218 -16.19 -12.23 10.08
CA ASP B 218 -15.20 -12.75 11.05
C ASP B 218 -15.08 -14.27 10.89
N LYS B 219 -13.85 -14.78 11.01
CA LYS B 219 -13.63 -16.23 11.04
C LYS B 219 -12.75 -16.58 12.22
N LYS B 220 -13.25 -17.41 13.13
CA LYS B 220 -12.39 -17.97 14.16
C LYS B 220 -11.48 -19.04 13.57
N VAL B 221 -10.20 -18.98 13.91
CA VAL B 221 -9.24 -19.94 13.36
C VAL B 221 -8.76 -20.88 14.44
N GLU B 222 -9.24 -22.12 14.39
CA GLU B 222 -8.93 -23.12 15.42
C GLU B 222 -7.92 -24.15 14.92
N PRO B 223 -7.26 -24.86 15.86
CA PRO B 223 -6.49 -26.05 15.47
C PRO B 223 -7.43 -27.11 14.94
N LYS B 224 -6.98 -27.90 13.97
CA LYS B 224 -7.84 -28.91 13.35
C LYS B 224 -8.26 -29.98 14.35
#